data_2IPX
#
_entry.id   2IPX
#
_cell.length_a   57.261
_cell.length_b   57.261
_cell.length_c   135.028
_cell.angle_alpha   90.00
_cell.angle_beta   90.00
_cell.angle_gamma   90.00
#
_symmetry.space_group_name_H-M   'P 41 21 2'
#
loop_
_entity.id
_entity.type
_entity.pdbx_description
1 polymer "rRNA 2'-O-methyltransferase fibrillarin"
2 non-polymer 'CALCIUM ION'
3 non-polymer "5'-DEOXY-5'-METHYLTHIOADENOSINE"
4 water water
#
_entity_poly.entity_id   1
_entity_poly.type   'polypeptide(L)'
_entity_poly.pdbx_seq_one_letter_code
;GKNV(MSE)VEPHRHEGVFICRGKEDALVTKNLVPGESVYGEKRVSISEGDDKIEYRAWNPFRSKLAAAILGGVDQIHIK
PGAKVLYLGAASGTTVSHVSDIVGPDGLVYAVEFSHRSGRDLINLAKKRTNIIPVIEDARHPHKYR(MSE)LIA(MSE)V
DVIFADVAQPDQTRIVALNAHTFLRNGGHFVISIKANCIDSTASAEAVFASEVKK(MSE)QQEN(MSE)KPQEQLTLEPY
ERDHAVVVGVYRP
;
_entity_poly.pdbx_strand_id   A
#
# COMPACT_ATOMS: atom_id res chain seq x y z
N VAL A 6 -6.56 9.40 21.50
CA VAL A 6 -6.43 8.53 20.32
C VAL A 6 -7.49 7.45 20.41
N GLU A 7 -8.23 7.26 19.34
CA GLU A 7 -9.25 6.21 19.33
C GLU A 7 -9.14 5.34 18.08
N PRO A 8 -9.66 4.09 18.15
CA PRO A 8 -9.64 3.20 17.00
C PRO A 8 -10.49 3.74 15.86
N HIS A 9 -9.93 3.68 14.66
CA HIS A 9 -10.65 3.98 13.45
C HIS A 9 -11.51 2.75 13.08
N ARG A 10 -12.50 2.95 12.20
CA ARG A 10 -13.28 1.85 11.63
C ARG A 10 -12.38 0.71 11.07
N HIS A 11 -11.28 1.08 10.40
CA HIS A 11 -10.30 0.10 9.94
C HIS A 11 -9.37 -0.38 11.09
N GLU A 12 -9.42 -1.69 11.38
CA GLU A 12 -8.62 -2.31 12.43
C GLU A 12 -7.14 -2.02 12.17
N GLY A 13 -6.42 -1.68 13.23
CA GLY A 13 -5.01 -1.32 13.12
C GLY A 13 -4.80 0.15 12.76
N VAL A 14 -5.87 0.85 12.45
CA VAL A 14 -5.79 2.27 12.17
C VAL A 14 -6.40 3.04 13.31
N PHE A 15 -5.82 4.20 13.61
CA PHE A 15 -6.28 5.01 14.72
C PHE A 15 -6.47 6.47 14.32
N ILE A 16 -7.28 7.18 15.08
CA ILE A 16 -7.56 8.58 14.81
C ILE A 16 -7.22 9.40 16.05
N CYS A 17 -6.21 10.27 15.93
CA CYS A 17 -5.78 11.18 16.99
C CYS A 17 -6.79 12.34 16.99
N ARG A 18 -8.05 11.95 17.14
CA ARG A 18 -9.26 12.80 17.28
C ARG A 18 -9.45 13.88 16.21
N LEU A 24 -4.93 11.03 11.45
CA LEU A 24 -4.73 9.59 11.33
C LEU A 24 -3.39 9.21 11.97
N VAL A 25 -3.37 8.10 12.71
CA VAL A 25 -2.13 7.57 13.27
C VAL A 25 -2.09 6.04 13.20
N THR A 26 -0.89 5.47 13.31
CA THR A 26 -0.74 4.02 13.45
C THR A 26 0.05 3.70 14.71
N LYS A 27 -0.21 2.55 15.32
CA LYS A 27 0.50 2.17 16.54
C LYS A 27 1.96 1.82 16.19
N ASN A 28 2.93 2.46 16.85
CA ASN A 28 4.33 2.25 16.50
C ASN A 28 4.81 0.83 16.83
N LEU A 29 5.21 0.10 15.79
CA LEU A 29 5.76 -1.23 15.95
C LEU A 29 7.10 -1.17 16.68
N VAL A 30 7.75 -0.02 16.59
CA VAL A 30 9.07 0.21 17.19
C VAL A 30 9.05 1.49 18.05
N PRO A 31 8.46 1.43 19.25
CA PRO A 31 8.32 2.63 20.10
C PRO A 31 9.64 3.39 20.26
N GLY A 32 9.55 4.72 20.26
CA GLY A 32 10.72 5.59 20.38
C GLY A 32 11.48 5.89 19.09
N GLU A 33 11.13 5.19 18.00
CA GLU A 33 11.78 5.37 16.67
C GLU A 33 10.85 6.05 15.68
N SER A 34 11.36 7.07 15.00
CA SER A 34 10.68 7.63 13.82
C SER A 34 11.38 7.18 12.54
N VAL A 35 10.59 6.94 11.52
CA VAL A 35 11.08 6.42 10.26
C VAL A 35 11.58 7.49 9.30
N TYR A 36 10.77 8.53 9.11
CA TYR A 36 11.07 9.57 8.13
C TYR A 36 10.84 10.95 8.73
N GLY A 37 10.99 11.05 10.05
CA GLY A 37 10.88 12.32 10.78
C GLY A 37 9.51 12.63 11.34
N GLU A 38 8.54 11.75 11.11
CA GLU A 38 7.17 11.94 11.59
C GLU A 38 7.15 12.02 13.11
N LYS A 39 6.23 12.82 13.64
CA LYS A 39 6.07 12.98 15.07
C LYS A 39 5.21 11.87 15.65
N ARG A 40 5.33 11.69 16.95
CA ARG A 40 4.50 10.72 17.62
C ARG A 40 3.97 11.21 18.95
N VAL A 41 2.96 10.49 19.44
CA VAL A 41 2.25 10.79 20.67
C VAL A 41 2.19 9.51 21.50
N SER A 42 2.39 9.65 22.80
CA SER A 42 2.25 8.55 23.74
C SER A 42 0.99 8.72 24.59
N ILE A 43 0.28 7.63 24.78
CA ILE A 43 -0.96 7.60 25.54
C ILE A 43 -0.79 6.60 26.69
N SER A 44 -1.05 7.03 27.92
CA SER A 44 -0.94 6.13 29.07
C SER A 44 -2.32 5.71 29.56
N LYS A 49 2.85 5.17 27.42
CA LYS A 49 2.74 3.72 27.45
C LYS A 49 2.55 3.16 26.04
N ILE A 50 1.53 3.63 25.33
CA ILE A 50 1.25 3.22 23.94
C ILE A 50 1.55 4.38 22.98
N GLU A 51 2.49 4.17 22.08
CA GLU A 51 2.94 5.22 21.17
C GLU A 51 2.33 5.09 19.77
N TYR A 52 1.89 6.22 19.23
CA TYR A 52 1.34 6.26 17.86
C TYR A 52 2.16 7.21 16.98
N ARG A 53 2.22 6.92 15.68
CA ARG A 53 2.93 7.78 14.74
C ARG A 53 1.95 8.51 13.83
N ALA A 54 2.19 9.81 13.62
CA ALA A 54 1.46 10.60 12.62
C ALA A 54 1.53 9.94 11.25
N TRP A 55 0.39 9.88 10.56
CA TRP A 55 0.31 9.31 9.22
C TRP A 55 -0.28 10.35 8.27
N ASN A 56 0.59 10.95 7.46
CA ASN A 56 0.23 12.13 6.68
C ASN A 56 -0.44 11.84 5.33
N PRO A 57 -1.67 12.32 5.12
CA PRO A 57 -2.38 12.05 3.86
C PRO A 57 -1.82 12.79 2.64
N PHE A 58 -1.04 13.85 2.84
CA PHE A 58 -0.36 14.47 1.71
C PHE A 58 0.81 13.62 1.23
N ARG A 59 1.34 12.78 2.11
CA ARG A 59 2.50 11.97 1.80
C ARG A 59 2.14 10.54 1.37
N SER A 60 1.06 9.99 1.94
CA SER A 60 0.66 8.60 1.77
C SER A 60 -0.69 8.49 1.07
N LYS A 61 -0.70 7.84 -0.10
CA LYS A 61 -1.96 7.65 -0.87
C LYS A 61 -2.95 6.79 -0.08
N LEU A 62 -2.44 5.87 0.73
CA LEU A 62 -3.30 5.02 1.54
C LEU A 62 -3.98 5.84 2.65
N ALA A 63 -3.21 6.67 3.35
CA ALA A 63 -3.82 7.63 4.30
C ALA A 63 -4.91 8.52 3.65
N ALA A 64 -4.63 9.04 2.46
CA ALA A 64 -5.59 9.90 1.73
C ALA A 64 -6.89 9.16 1.45
N ALA A 65 -6.76 7.91 1.02
CA ALA A 65 -7.93 7.06 0.70
C ALA A 65 -8.77 6.85 1.93
N ILE A 66 -8.12 6.53 3.05
CA ILE A 66 -8.80 6.31 4.32
C ILE A 66 -9.56 7.58 4.72
N LEU A 67 -8.89 8.73 4.76
CA LEU A 67 -9.59 9.98 5.08
C LEU A 67 -10.72 10.27 4.11
N GLY A 68 -10.51 9.90 2.85
CA GLY A 68 -11.54 10.08 1.83
C GLY A 68 -12.71 9.11 1.87
N GLY A 69 -12.69 8.16 2.80
CA GLY A 69 -13.83 7.31 3.08
C GLY A 69 -13.88 6.01 2.27
N VAL A 70 -12.75 5.54 1.80
CA VAL A 70 -12.66 4.19 1.20
C VAL A 70 -13.34 3.16 2.14
N ASP A 71 -14.18 2.28 1.58
CA ASP A 71 -14.92 1.31 2.39
C ASP A 71 -14.03 0.23 3.02
N GLN A 72 -13.12 -0.33 2.22
CA GLN A 72 -12.24 -1.42 2.68
C GLN A 72 -10.81 -1.12 2.27
N ILE A 73 -9.87 -1.48 3.13
CA ILE A 73 -8.45 -1.43 2.76
C ILE A 73 -7.79 -2.80 2.79
N HIS A 74 -8.40 -3.76 3.49
CA HIS A 74 -7.93 -5.15 3.60
C HIS A 74 -6.60 -5.35 4.36
N ILE A 75 -5.75 -4.34 4.35
CA ILE A 75 -4.53 -4.32 5.17
C ILE A 75 -5.00 -4.15 6.62
N LYS A 76 -4.69 -5.13 7.44
CA LYS A 76 -5.22 -5.22 8.81
C LYS A 76 -4.29 -6.10 9.66
N PRO A 77 -4.44 -6.07 11.00
CA PRO A 77 -3.54 -6.93 11.77
C PRO A 77 -3.47 -8.37 11.26
N GLY A 78 -2.26 -8.88 11.16
CA GLY A 78 -2.00 -10.26 10.70
C GLY A 78 -1.92 -10.45 9.18
N ALA A 79 -2.34 -9.44 8.41
CA ALA A 79 -2.38 -9.57 6.95
C ALA A 79 -0.97 -9.74 6.37
N LYS A 80 -0.88 -10.52 5.30
CA LYS A 80 0.37 -10.62 4.54
C LYS A 80 0.17 -9.76 3.26
N VAL A 81 1.03 -8.75 3.12
CA VAL A 81 0.83 -7.71 2.10
C VAL A 81 2.01 -7.68 1.13
N LEU A 82 1.71 -7.76 -0.16
CA LEU A 82 2.70 -7.56 -1.20
C LEU A 82 2.57 -6.12 -1.65
N TYR A 83 3.61 -5.35 -1.36
CA TYR A 83 3.61 -3.91 -1.62
C TYR A 83 4.49 -3.56 -2.83
N LEU A 84 3.85 -3.22 -3.95
CA LEU A 84 4.55 -2.88 -5.20
C LEU A 84 4.80 -1.38 -5.31
N GLY A 85 6.07 -1.00 -5.36
CA GLY A 85 6.49 0.42 -5.40
C GLY A 85 6.74 0.96 -4.01
N ALA A 86 7.52 0.23 -3.22
CA ALA A 86 7.77 0.55 -1.80
C ALA A 86 8.59 1.84 -1.56
N ALA A 87 9.33 2.29 -2.59
CA ALA A 87 10.19 3.48 -2.47
C ALA A 87 11.08 3.34 -1.23
N SER A 88 11.21 4.39 -0.43
CA SER A 88 12.07 4.38 0.76
C SER A 88 11.41 3.75 1.99
N GLY A 89 10.10 3.49 1.88
CA GLY A 89 9.38 2.83 2.95
C GLY A 89 8.47 3.66 3.84
N THR A 90 8.15 4.90 3.44
CA THR A 90 7.29 5.74 4.29
C THR A 90 5.86 5.14 4.50
N THR A 91 5.12 4.90 3.41
CA THR A 91 3.82 4.23 3.58
C THR A 91 4.00 2.79 4.07
N VAL A 92 5.02 2.10 3.54
CA VAL A 92 5.34 0.75 4.02
C VAL A 92 5.47 0.69 5.54
N SER A 93 6.13 1.68 6.15
CA SER A 93 6.24 1.69 7.59
C SER A 93 4.89 1.70 8.30
N HIS A 94 3.91 2.45 7.78
CA HIS A 94 2.55 2.45 8.34
C HIS A 94 1.81 1.14 8.09
N VAL A 95 1.99 0.59 6.90
CA VAL A 95 1.48 -0.76 6.65
C VAL A 95 2.06 -1.79 7.66
N SER A 96 3.39 -1.74 7.87
CA SER A 96 4.06 -2.57 8.87
C SER A 96 3.43 -2.41 10.28
N ASP A 97 3.18 -1.17 10.71
CA ASP A 97 2.50 -0.93 11.99
C ASP A 97 1.15 -1.66 12.00
N ILE A 98 0.41 -1.47 10.91
CA ILE A 98 -0.98 -1.98 10.84
C ILE A 98 -0.99 -3.50 10.94
N VAL A 99 -0.18 -4.16 10.12
CA VAL A 99 -0.20 -5.64 10.06
C VAL A 99 0.38 -6.26 11.35
N GLY A 100 1.30 -5.53 12.00
CA GLY A 100 1.77 -5.93 13.32
C GLY A 100 2.72 -7.12 13.32
N PRO A 101 3.02 -7.65 14.52
CA PRO A 101 4.06 -8.66 14.67
C PRO A 101 3.80 -9.92 13.89
N ASP A 102 2.54 -10.26 13.69
CA ASP A 102 2.19 -11.53 13.01
C ASP A 102 1.85 -11.32 11.53
N GLY A 103 1.89 -10.08 11.05
CA GLY A 103 1.65 -9.81 9.63
C GLY A 103 2.98 -9.70 8.90
N LEU A 104 2.92 -9.48 7.59
CA LEU A 104 4.12 -9.27 6.80
C LEU A 104 3.92 -8.22 5.73
N VAL A 105 4.99 -7.46 5.47
CA VAL A 105 4.99 -6.54 4.33
C VAL A 105 6.15 -6.88 3.40
N TYR A 106 5.84 -7.41 2.22
CA TYR A 106 6.84 -7.67 1.20
C TYR A 106 6.99 -6.40 0.38
N ALA A 107 8.15 -5.75 0.48
CA ALA A 107 8.29 -4.41 -0.07
C ALA A 107 9.14 -4.45 -1.35
N VAL A 108 8.44 -4.44 -2.49
CA VAL A 108 9.07 -4.52 -3.80
C VAL A 108 9.39 -3.11 -4.31
N GLU A 109 10.66 -2.87 -4.61
CA GLU A 109 11.12 -1.58 -5.13
C GLU A 109 12.32 -1.84 -6.04
N PHE A 110 12.32 -1.31 -7.26
CA PHE A 110 13.47 -1.61 -8.12
C PHE A 110 14.64 -0.64 -8.09
N SER A 111 14.43 0.52 -7.45
CA SER A 111 15.51 1.50 -7.25
C SER A 111 16.46 1.02 -6.17
N HIS A 112 17.73 0.88 -6.51
CA HIS A 112 18.71 0.46 -5.50
C HIS A 112 18.92 1.49 -4.42
N ARG A 113 18.87 2.78 -4.80
CA ARG A 113 18.97 3.84 -3.81
C ARG A 113 17.80 3.79 -2.83
N SER A 114 16.57 3.76 -3.34
CA SER A 114 15.41 3.61 -2.46
C SER A 114 15.56 2.33 -1.66
N GLY A 115 16.01 1.27 -2.35
CA GLY A 115 16.27 -0.03 -1.75
C GLY A 115 17.09 0.03 -0.47
N ARG A 116 18.10 0.89 -0.45
CA ARG A 116 18.96 1.02 0.74
C ARG A 116 18.20 1.48 1.97
N ASP A 117 17.27 2.43 1.80
CA ASP A 117 16.45 2.90 2.88
C ASP A 117 15.51 1.80 3.31
N LEU A 118 14.94 1.07 2.35
CA LEU A 118 14.05 -0.06 2.69
C LEU A 118 14.75 -1.10 3.52
N ILE A 119 15.96 -1.47 3.09
CA ILE A 119 16.75 -2.52 3.74
C ILE A 119 17.06 -2.09 5.17
N ASN A 120 17.49 -0.84 5.34
CA ASN A 120 17.71 -0.27 6.69
C ASN A 120 16.48 -0.25 7.57
N LEU A 121 15.34 0.08 6.96
CA LEU A 121 14.07 0.02 7.65
C LEU A 121 13.73 -1.37 8.17
N ALA A 122 13.89 -2.39 7.32
CA ALA A 122 13.64 -3.80 7.66
C ALA A 122 14.54 -4.29 8.83
N LYS A 123 15.76 -3.74 8.93
CA LYS A 123 16.63 -4.06 10.08
C LYS A 123 15.93 -3.78 11.43
N LYS A 124 15.07 -2.76 11.48
CA LYS A 124 14.37 -2.36 12.70
C LYS A 124 12.98 -2.97 12.85
N ARG A 125 12.44 -3.47 11.74
CA ARG A 125 11.06 -3.93 11.66
C ARG A 125 11.04 -5.36 11.12
N THR A 126 10.80 -6.31 12.03
CA THR A 126 10.92 -7.73 11.72
C THR A 126 9.87 -8.22 10.71
N ASN A 127 8.80 -7.43 10.53
CA ASN A 127 7.73 -7.82 9.59
C ASN A 127 7.85 -7.23 8.16
N ILE A 128 8.96 -6.60 7.85
CA ILE A 128 9.21 -6.11 6.50
C ILE A 128 10.24 -6.98 5.78
N ILE A 129 9.87 -7.44 4.59
CA ILE A 129 10.78 -8.20 3.75
C ILE A 129 11.12 -7.37 2.50
N PRO A 130 12.32 -6.78 2.45
CA PRO A 130 12.71 -6.02 1.26
C PRO A 130 12.92 -6.90 0.04
N VAL A 131 12.36 -6.48 -1.07
CA VAL A 131 12.51 -7.19 -2.33
C VAL A 131 12.94 -6.18 -3.39
N ILE A 132 14.23 -6.11 -3.64
CA ILE A 132 14.79 -5.05 -4.47
C ILE A 132 14.90 -5.61 -5.89
N GLU A 133 13.75 -5.63 -6.57
CA GLU A 133 13.61 -6.27 -7.86
C GLU A 133 12.56 -5.53 -8.66
N ASP A 134 12.50 -5.86 -9.94
CA ASP A 134 11.57 -5.27 -10.88
C ASP A 134 10.28 -6.07 -10.84
N ALA A 135 9.21 -5.37 -10.46
CA ALA A 135 7.87 -5.96 -10.30
C ALA A 135 7.29 -6.53 -11.58
N ARG A 136 7.93 -6.22 -12.72
CA ARG A 136 7.48 -6.72 -14.02
C ARG A 136 7.85 -8.18 -14.23
N HIS A 137 8.79 -8.66 -13.44
CA HIS A 137 9.28 -10.02 -13.54
C HIS A 137 9.21 -10.81 -12.21
N PRO A 138 7.97 -11.12 -11.73
CA PRO A 138 7.80 -11.76 -10.42
C PRO A 138 8.42 -13.15 -10.35
N HIS A 139 8.54 -13.83 -11.49
CA HIS A 139 9.19 -15.13 -11.51
C HIS A 139 10.61 -15.06 -10.97
N LYS A 140 11.23 -13.88 -11.06
CA LYS A 140 12.61 -13.72 -10.59
C LYS A 140 12.75 -13.65 -9.07
N TYR A 141 11.68 -13.27 -8.39
CA TYR A 141 11.70 -13.21 -6.93
C TYR A 141 10.68 -14.16 -6.31
N ARG A 142 10.27 -15.19 -7.06
CA ARG A 142 9.24 -16.11 -6.59
C ARG A 142 9.60 -16.80 -5.27
N LEU A 144 11.35 -15.69 -2.83
CA LEU A 144 11.50 -14.79 -1.69
C LEU A 144 10.15 -14.46 -1.06
N ILE A 145 9.07 -14.73 -1.79
CA ILE A 145 7.71 -14.34 -1.39
C ILE A 145 6.76 -15.53 -1.28
N ALA A 146 6.04 -15.59 -0.17
CA ALA A 146 5.00 -16.62 0.05
C ALA A 146 3.62 -16.00 -0.29
N VAL A 148 0.22 -14.10 -0.46
CA VAL A 148 -0.17 -12.93 0.32
C VAL A 148 -1.68 -12.79 0.32
N ASP A 149 -2.18 -12.04 1.29
CA ASP A 149 -3.60 -11.69 1.40
C ASP A 149 -4.00 -10.47 0.58
N VAL A 150 -3.05 -9.55 0.37
CA VAL A 150 -3.34 -8.29 -0.30
C VAL A 150 -2.19 -7.88 -1.17
N ILE A 151 -2.52 -7.34 -2.34
CA ILE A 151 -1.53 -6.56 -3.10
C ILE A 151 -1.88 -5.08 -3.01
N PHE A 152 -0.94 -4.27 -2.55
CA PHE A 152 -1.06 -2.82 -2.63
C PHE A 152 -0.06 -2.35 -3.69
N ALA A 153 -0.53 -1.58 -4.66
CA ALA A 153 0.31 -1.15 -5.79
C ALA A 153 0.31 0.36 -6.03
N ASP A 154 1.50 0.93 -6.06
CA ASP A 154 1.68 2.36 -6.29
C ASP A 154 3.00 2.53 -7.06
N VAL A 155 3.08 1.97 -8.26
CA VAL A 155 4.34 1.99 -9.04
C VAL A 155 4.40 3.14 -10.05
N ALA A 156 3.27 3.79 -10.28
CA ALA A 156 3.22 4.97 -11.18
C ALA A 156 3.79 4.64 -12.57
N GLN A 157 3.25 3.60 -13.18
CA GLN A 157 3.74 3.09 -14.47
C GLN A 157 2.53 2.89 -15.35
N PRO A 158 2.68 3.14 -16.67
CA PRO A 158 1.54 2.96 -17.57
C PRO A 158 1.03 1.51 -17.59
N ASP A 159 1.93 0.56 -17.37
CA ASP A 159 1.58 -0.86 -17.42
C ASP A 159 1.31 -1.47 -16.02
N GLN A 160 1.00 -0.60 -15.04
CA GLN A 160 0.76 -1.03 -13.66
C GLN A 160 -0.31 -2.12 -13.55
N THR A 161 -1.36 -2.03 -14.35
CA THR A 161 -2.43 -3.03 -14.24
C THR A 161 -1.95 -4.43 -14.63
N ARG A 162 -1.16 -4.50 -15.70
CA ARG A 162 -0.55 -5.74 -16.14
C ARG A 162 0.45 -6.23 -15.08
N ILE A 163 1.19 -5.30 -14.48
CA ILE A 163 2.09 -5.63 -13.35
C ILE A 163 1.35 -6.27 -12.18
N VAL A 164 0.26 -5.64 -11.75
CA VAL A 164 -0.55 -6.16 -10.64
C VAL A 164 -1.09 -7.54 -10.96
N ALA A 165 -1.61 -7.69 -12.19
CA ALA A 165 -2.16 -8.98 -12.66
C ALA A 165 -1.11 -10.07 -12.61
N LEU A 166 0.10 -9.79 -13.11
CA LEU A 166 1.16 -10.79 -13.09
C LEU A 166 1.50 -11.18 -11.65
N ASN A 167 1.61 -10.19 -10.77
CA ASN A 167 1.89 -10.45 -9.35
C ASN A 167 0.74 -11.18 -8.66
N ALA A 168 -0.49 -10.88 -9.06
CA ALA A 168 -1.64 -11.56 -8.50
C ALA A 168 -1.62 -13.03 -8.85
N HIS A 169 -1.48 -13.36 -10.14
CA HIS A 169 -1.42 -14.78 -10.54
C HIS A 169 -0.31 -15.56 -9.83
N THR A 170 0.81 -14.89 -9.58
CA THR A 170 1.94 -15.51 -8.90
C THR A 170 1.76 -15.62 -7.39
N PHE A 171 1.29 -14.55 -6.75
CA PHE A 171 1.36 -14.47 -5.27
C PHE A 171 0.06 -14.27 -4.49
N LEU A 172 -0.99 -13.75 -5.14
CA LEU A 172 -2.17 -13.39 -4.36
C LEU A 172 -3.10 -14.59 -4.14
N ARG A 173 -3.47 -14.82 -2.90
CA ARG A 173 -4.33 -15.98 -2.58
C ARG A 173 -5.72 -15.80 -3.21
N ASN A 174 -6.41 -16.91 -3.47
CA ASN A 174 -7.82 -16.85 -3.87
C ASN A 174 -8.60 -16.06 -2.83
N GLY A 175 -9.46 -15.14 -3.27
CA GLY A 175 -10.28 -14.35 -2.32
C GLY A 175 -9.48 -13.18 -1.77
N GLY A 176 -8.20 -13.11 -2.15
CA GLY A 176 -7.33 -12.01 -1.75
C GLY A 176 -7.76 -10.71 -2.41
N HIS A 177 -7.25 -9.60 -1.91
CA HIS A 177 -7.65 -8.30 -2.45
C HIS A 177 -6.52 -7.48 -3.01
N PHE A 178 -6.87 -6.54 -3.88
CA PHE A 178 -5.88 -5.57 -4.40
C PHE A 178 -6.36 -4.15 -4.11
N VAL A 179 -5.39 -3.30 -3.82
CA VAL A 179 -5.62 -1.89 -3.57
C VAL A 179 -4.62 -1.16 -4.48
N ILE A 180 -5.14 -0.46 -5.47
CA ILE A 180 -4.30 0.03 -6.54
C ILE A 180 -4.41 1.54 -6.66
N SER A 181 -3.28 2.21 -6.49
CA SER A 181 -3.20 3.66 -6.70
C SER A 181 -2.92 3.96 -8.18
N ILE A 182 -3.79 4.76 -8.81
CA ILE A 182 -3.67 5.08 -10.25
C ILE A 182 -3.64 6.60 -10.46
N LYS A 183 -2.49 7.10 -10.88
CA LYS A 183 -2.36 8.51 -11.19
C LYS A 183 -2.67 8.59 -12.67
N ALA A 184 -3.81 9.19 -12.99
CA ALA A 184 -4.28 9.18 -14.37
C ALA A 184 -3.21 9.65 -15.35
N ASN A 185 -2.56 10.78 -15.06
CA ASN A 185 -1.63 11.37 -16.02
C ASN A 185 -0.33 10.58 -16.19
N CYS A 186 -0.20 9.52 -15.39
CA CYS A 186 0.91 8.60 -15.50
C CYS A 186 0.62 7.46 -16.51
N ILE A 187 -0.66 7.14 -16.70
CA ILE A 187 -1.09 6.16 -17.71
C ILE A 187 -1.23 6.83 -19.08
N ASP A 188 -1.92 7.97 -19.11
CA ASP A 188 -2.13 8.77 -20.32
C ASP A 188 -2.25 10.25 -19.96
N SER A 189 -1.24 11.04 -20.33
CA SER A 189 -1.16 12.46 -19.96
C SER A 189 -2.23 13.40 -20.56
N THR A 190 -2.81 13.01 -21.68
CA THR A 190 -3.80 13.85 -22.39
C THR A 190 -5.25 13.53 -22.03
N ALA A 191 -5.53 12.23 -21.84
CA ALA A 191 -6.88 11.73 -21.62
C ALA A 191 -7.50 12.24 -20.33
N SER A 192 -8.84 12.25 -20.27
CA SER A 192 -9.56 12.60 -19.06
C SER A 192 -9.28 11.50 -18.04
N ALA A 193 -9.08 11.91 -16.79
CA ALA A 193 -8.80 10.97 -15.70
C ALA A 193 -9.85 9.88 -15.65
N GLU A 194 -11.11 10.29 -15.73
CA GLU A 194 -12.26 9.37 -15.68
C GLU A 194 -12.16 8.27 -16.75
N ALA A 195 -11.76 8.65 -17.96
CA ALA A 195 -11.58 7.70 -19.04
C ALA A 195 -10.40 6.77 -18.76
N VAL A 196 -9.36 7.32 -18.13
CA VAL A 196 -8.18 6.53 -17.74
C VAL A 196 -8.55 5.48 -16.71
N PHE A 197 -9.26 5.90 -15.66
CA PHE A 197 -9.71 4.96 -14.62
C PHE A 197 -10.55 3.83 -15.22
N ALA A 198 -11.50 4.20 -16.07
CA ALA A 198 -12.39 3.24 -16.72
C ALA A 198 -11.64 2.24 -17.61
N SER A 199 -10.60 2.69 -18.30
CA SER A 199 -9.81 1.83 -19.17
C SER A 199 -9.04 0.79 -18.34
N GLU A 200 -8.49 1.25 -17.22
CA GLU A 200 -7.72 0.38 -16.35
C GLU A 200 -8.61 -0.69 -15.75
N VAL A 201 -9.77 -0.28 -15.25
CA VAL A 201 -10.76 -1.18 -14.69
C VAL A 201 -11.22 -2.22 -15.73
N LYS A 202 -11.34 -1.80 -16.98
CA LYS A 202 -11.74 -2.70 -18.09
C LYS A 202 -10.76 -3.88 -18.26
N LYS A 203 -9.47 -3.61 -18.09
CA LYS A 203 -8.39 -4.60 -18.24
C LYS A 203 -8.47 -5.76 -17.23
N GLN A 205 -11.03 -7.65 -15.96
CA GLN A 205 -11.96 -8.77 -16.13
C GLN A 205 -11.25 -10.03 -16.62
N GLN A 206 -10.33 -9.89 -17.56
CA GLN A 206 -9.65 -11.06 -18.14
C GLN A 206 -8.61 -11.69 -17.22
N GLU A 207 -8.40 -11.07 -16.06
CA GLU A 207 -7.49 -11.60 -15.06
C GLU A 207 -8.26 -12.12 -13.83
N ASN A 208 -9.59 -12.13 -13.93
CA ASN A 208 -10.48 -12.42 -12.79
C ASN A 208 -10.16 -11.53 -11.59
N LYS A 210 -11.78 -8.38 -9.81
CA LYS A 210 -13.11 -7.76 -9.79
C LYS A 210 -13.06 -6.51 -8.90
N PRO A 211 -13.10 -5.33 -9.52
CA PRO A 211 -13.16 -4.08 -8.73
C PRO A 211 -14.42 -4.00 -7.89
N GLN A 212 -14.28 -3.54 -6.65
CA GLN A 212 -15.42 -3.44 -5.74
C GLN A 212 -15.72 -2.00 -5.35
N GLU A 213 -14.69 -1.17 -5.34
CA GLU A 213 -14.92 0.27 -5.14
C GLU A 213 -13.82 1.09 -5.80
N GLN A 214 -14.11 2.36 -6.05
CA GLN A 214 -13.13 3.30 -6.60
C GLN A 214 -13.40 4.64 -5.94
N LEU A 215 -12.35 5.37 -5.60
CA LEU A 215 -12.51 6.75 -5.13
C LEU A 215 -11.32 7.56 -5.55
N THR A 216 -11.49 8.86 -5.63
CA THR A 216 -10.38 9.72 -5.97
C THR A 216 -9.86 10.33 -4.69
N LEU A 217 -8.65 10.88 -4.75
CA LEU A 217 -7.91 11.24 -3.55
C LEU A 217 -8.00 12.72 -3.17
N GLU A 218 -9.16 13.31 -3.47
CA GLU A 218 -9.66 14.53 -2.80
C GLU A 218 -8.68 15.64 -2.90
N PRO A 219 -8.55 16.46 -1.83
CA PRO A 219 -7.68 17.58 -2.15
C PRO A 219 -6.21 17.18 -2.11
N TYR A 220 -5.90 16.05 -1.46
CA TYR A 220 -4.49 15.61 -1.31
C TYR A 220 -3.77 15.35 -2.63
N GLU A 221 -4.46 14.69 -3.55
CA GLU A 221 -3.88 14.34 -4.85
C GLU A 221 -4.92 14.57 -5.95
N ARG A 222 -4.48 15.16 -7.06
CA ARG A 222 -5.37 15.55 -8.17
C ARG A 222 -5.47 14.41 -9.19
N ASP A 223 -6.70 14.13 -9.66
CA ASP A 223 -6.92 13.11 -10.70
C ASP A 223 -6.14 11.82 -10.38
N HIS A 224 -6.39 11.32 -9.18
CA HIS A 224 -5.68 10.18 -8.65
C HIS A 224 -6.68 9.28 -7.98
N ALA A 225 -6.83 8.06 -8.49
CA ALA A 225 -7.83 7.14 -7.94
C ALA A 225 -7.17 6.01 -7.16
N VAL A 226 -7.93 5.45 -6.23
CA VAL A 226 -7.61 4.17 -5.63
C VAL A 226 -8.76 3.22 -6.01
N VAL A 227 -8.38 2.07 -6.56
CA VAL A 227 -9.33 1.00 -6.90
C VAL A 227 -9.07 -0.20 -5.99
N VAL A 228 -10.12 -0.66 -5.31
CA VAL A 228 -10.06 -1.78 -4.37
C VAL A 228 -10.92 -2.90 -4.96
N GLY A 229 -10.40 -4.13 -4.91
CA GLY A 229 -11.14 -5.25 -5.47
C GLY A 229 -10.65 -6.60 -4.96
N VAL A 230 -11.32 -7.64 -5.49
CA VAL A 230 -11.09 -9.04 -5.08
C VAL A 230 -10.60 -9.87 -6.28
N TYR A 231 -9.67 -10.78 -6.01
CA TYR A 231 -9.04 -11.61 -7.02
C TYR A 231 -9.47 -13.06 -6.80
N ARG A 232 -9.90 -13.74 -7.86
CA ARG A 232 -10.36 -15.13 -7.75
C ARG A 232 -11.27 -15.40 -6.52
N PRO A 233 -12.39 -14.65 -6.40
CA PRO A 233 -13.29 -14.72 -5.24
C PRO A 233 -14.01 -16.07 -5.17
#